data_3SWC
#
_entry.id   3SWC
#
_cell.length_a   80.09
_cell.length_b   90.22
_cell.length_c   95.40
_cell.angle_alpha   90.00
_cell.angle_beta   90.00
_cell.angle_gamma   90.00
#
_symmetry.space_group_name_H-M   'P 21 21 21'
#
loop_
_entity.id
_entity.type
_entity.pdbx_description
1 polymer 'Histone-lysine N-methyltransferase EHMT1'
2 polymer 'DNA (cytosine-5)-methyltransferase 3A'
3 non-polymer 'ZINC ION'
4 non-polymer S-ADENOSYL-L-HOMOCYSTEINE
5 water water
#
loop_
_entity_poly.entity_id
_entity_poly.type
_entity_poly.pdbx_seq_one_letter_code
_entity_poly.pdbx_strand_id
1 'polypeptide(L)'
;NSQVWSALQMSKALQDSAPDRPSPVERIVSRDIARGYERIPIPCVNAVDSEPCPSNYKYVSQNCVTSPMNIDRNITHLQY
CVCIDDCSSSNCMCGQLSMRCWYDKDGRLLPEFNMAEPPLIFECNHACSCWRNCRNRVVQNGLRARLQLYRTRDMGWGVR
SLQDIPPGTFVCEYVGELISDSEADVREEDSYLFDLDNKDGEVYCIDARFYGNVSRFINHHCEPNLVPVRVFMAHQDLRF
PRIAFFSTRLIEAGEQLGFDYGERFWDIKGKLFSCRCGSPKCRHS
;
A,B
2 'polypeptide(L)' SATAR(MLY)VGRPGR P,Q
#
loop_
_chem_comp.id
_chem_comp.type
_chem_comp.name
_chem_comp.formula
ZN non-polymer 'ZINC ION' 'Zn 2'
#
# COMPACT_ATOMS: atom_id res chain seq x y z
N VAL A 25 -13.77 -7.22 -34.92
CA VAL A 25 -13.57 -5.93 -35.59
C VAL A 25 -12.19 -5.34 -35.25
N GLU A 26 -11.72 -5.60 -34.02
CA GLU A 26 -10.47 -5.06 -33.52
C GLU A 26 -9.56 -6.20 -33.10
N ARG A 27 -8.52 -5.87 -32.35
CA ARG A 27 -7.63 -6.91 -31.82
C ARG A 27 -7.32 -6.68 -30.34
N ILE A 28 -7.92 -7.50 -29.49
CA ILE A 28 -7.74 -7.41 -28.03
C ILE A 28 -6.34 -7.84 -27.60
N VAL A 29 -5.33 -7.06 -27.98
CA VAL A 29 -3.93 -7.36 -27.74
C VAL A 29 -3.51 -7.49 -26.25
N SER A 30 -4.49 -7.38 -25.34
CA SER A 30 -4.27 -7.73 -23.93
C SER A 30 -5.57 -7.71 -23.13
N ARG A 31 -5.69 -8.60 -22.16
CA ARG A 31 -6.85 -8.55 -21.28
C ARG A 31 -6.71 -7.54 -20.15
N ASP A 32 -5.48 -7.13 -19.82
CA ASP A 32 -5.23 -6.21 -18.71
C ASP A 32 -3.75 -5.80 -18.67
N ILE A 33 -3.46 -4.58 -19.07
CA ILE A 33 -2.08 -4.10 -19.05
C ILE A 33 -1.52 -3.99 -17.63
N ALA A 34 -2.40 -3.98 -16.62
CA ALA A 34 -2.01 -3.86 -15.23
C ALA A 34 -1.69 -5.20 -14.60
N ARG A 35 -1.91 -6.29 -15.35
CA ARG A 35 -1.68 -7.65 -14.87
C ARG A 35 -2.33 -7.95 -13.53
N GLY A 36 -3.52 -7.38 -13.31
CA GLY A 36 -4.27 -7.64 -12.09
C GLY A 36 -3.94 -6.68 -10.95
N TYR A 37 -3.11 -5.68 -11.18
CA TYR A 37 -2.73 -4.76 -10.09
C TYR A 37 -3.78 -3.67 -9.76
N GLU A 38 -4.68 -3.40 -10.68
CA GLU A 38 -5.74 -2.43 -10.45
C GLU A 38 -7.03 -3.14 -10.02
N ARG A 39 -7.97 -2.40 -9.41
CA ARG A 39 -9.20 -3.01 -8.89
C ARG A 39 -10.05 -3.56 -10.01
N ILE A 40 -9.88 -2.94 -11.17
CA ILE A 40 -10.58 -3.31 -12.38
C ILE A 40 -9.50 -3.46 -13.45
N PRO A 41 -9.67 -4.43 -14.35
CA PRO A 41 -8.71 -4.58 -15.45
C PRO A 41 -8.73 -3.43 -16.45
N ILE A 42 -7.64 -3.27 -17.20
CA ILE A 42 -7.53 -2.27 -18.25
C ILE A 42 -6.99 -2.92 -19.52
N PRO A 43 -7.91 -3.43 -20.35
CA PRO A 43 -7.55 -4.16 -21.57
C PRO A 43 -6.88 -3.24 -22.58
N CYS A 44 -6.22 -3.84 -23.56
CA CYS A 44 -5.70 -3.09 -24.68
C CYS A 44 -6.26 -3.64 -26.00
N VAL A 45 -6.86 -2.76 -26.79
CA VAL A 45 -7.36 -3.11 -28.09
C VAL A 45 -6.71 -2.25 -29.16
N ASN A 46 -6.49 -2.84 -30.33
CA ASN A 46 -6.00 -2.12 -31.50
C ASN A 46 -6.88 -2.40 -32.73
N ALA A 47 -7.62 -1.38 -33.17
CA ALA A 47 -8.55 -1.51 -34.27
C ALA A 47 -8.04 -0.81 -35.51
N VAL A 48 -6.77 -0.42 -35.50
CA VAL A 48 -6.25 0.59 -36.44
C VAL A 48 -5.04 0.16 -37.27
N ASP A 49 -4.06 -0.49 -36.65
CA ASP A 49 -2.89 -0.99 -37.38
C ASP A 49 -2.39 -2.32 -36.79
N SER A 50 -1.11 -2.62 -36.99
CA SER A 50 -0.57 -3.90 -36.56
C SER A 50 0.27 -3.80 -35.28
N GLU A 51 0.40 -2.60 -34.74
CA GLU A 51 1.13 -2.40 -33.49
C GLU A 51 0.55 -3.29 -32.40
N PRO A 52 1.40 -4.12 -31.79
CA PRO A 52 0.99 -4.92 -30.63
C PRO A 52 0.91 -4.07 -29.36
N CYS A 53 0.34 -4.62 -28.31
CA CYS A 53 0.22 -3.91 -27.05
C CYS A 53 1.59 -3.39 -26.62
N PRO A 54 1.68 -2.09 -26.26
CA PRO A 54 2.96 -1.48 -25.87
C PRO A 54 3.64 -2.26 -24.75
N SER A 55 4.95 -2.43 -24.87
CA SER A 55 5.70 -3.22 -23.91
C SER A 55 7.06 -2.61 -23.59
N ASN A 56 7.29 -1.39 -24.05
CA ASN A 56 8.57 -0.72 -23.80
C ASN A 56 8.62 0.05 -22.48
N TYR A 57 7.82 -0.37 -21.51
CA TYR A 57 7.78 0.28 -20.21
C TYR A 57 7.31 -0.77 -19.21
N LYS A 58 7.48 -0.48 -17.92
CA LYS A 58 6.97 -1.35 -16.87
C LYS A 58 5.74 -0.74 -16.20
N TYR A 59 4.60 -1.43 -16.30
CA TYR A 59 3.38 -0.98 -15.65
C TYR A 59 3.51 -1.11 -14.13
N VAL A 60 3.33 0.00 -13.41
CA VAL A 60 3.24 -0.03 -11.95
C VAL A 60 2.02 0.76 -11.50
N SER A 61 1.31 0.24 -10.51
CA SER A 61 0.06 0.83 -10.07
C SER A 61 0.27 1.96 -9.07
N GLN A 62 1.49 2.10 -8.54
CA GLN A 62 1.81 3.16 -7.58
C GLN A 62 3.14 3.80 -7.91
N ASN A 63 3.33 5.03 -7.46
CA ASN A 63 4.61 5.69 -7.70
C ASN A 63 5.78 4.87 -7.16
N CYS A 64 6.91 4.95 -7.85
CA CYS A 64 8.13 4.32 -7.39
C CYS A 64 9.28 5.34 -7.39
N VAL A 65 10.41 4.96 -6.82
CA VAL A 65 11.64 5.70 -7.00
C VAL A 65 12.72 4.78 -7.56
N THR A 66 13.67 5.36 -8.27
CA THR A 66 14.88 4.65 -8.67
C THR A 66 16.04 5.50 -8.24
N SER A 67 16.07 5.90 -6.97
CA SER A 67 17.03 6.88 -6.51
C SER A 67 16.35 7.65 -5.40
N PRO A 68 16.89 7.53 -4.19
CA PRO A 68 16.27 8.01 -2.95
C PRO A 68 15.63 9.40 -3.04
N MET A 69 14.32 9.45 -2.80
CA MET A 69 13.66 10.70 -2.41
C MET A 69 13.45 10.55 -0.90
N ASN A 70 13.83 11.55 -0.12
CA ASN A 70 13.67 11.39 1.32
C ASN A 70 12.28 11.84 1.75
N ILE A 71 11.28 11.12 1.26
CA ILE A 71 9.90 11.43 1.60
C ILE A 71 9.70 11.33 3.10
N ASP A 72 9.21 12.41 3.71
CA ASP A 72 8.98 12.44 5.14
C ASP A 72 7.82 11.52 5.50
N ARG A 73 8.12 10.34 6.04
CA ARG A 73 7.08 9.38 6.42
C ARG A 73 6.89 9.27 7.93
N ASN A 74 7.50 10.18 8.68
CA ASN A 74 7.31 10.18 10.14
C ASN A 74 5.86 10.36 10.53
N ILE A 75 5.27 9.29 11.06
CA ILE A 75 3.84 9.27 11.33
C ILE A 75 3.40 10.39 12.26
N THR A 76 4.29 10.89 13.12
CA THR A 76 3.92 11.96 14.06
C THR A 76 3.91 13.33 13.39
N HIS A 77 4.26 13.39 12.11
CA HIS A 77 4.26 14.67 11.40
C HIS A 77 2.97 14.82 10.63
N LEU A 78 2.17 13.78 10.59
CA LEU A 78 0.91 13.86 9.89
C LEU A 78 -0.07 14.73 10.68
N GLN A 79 -0.82 15.56 9.96
CA GLN A 79 -2.00 16.15 10.56
C GLN A 79 -3.14 15.22 10.24
N TYR A 80 -4.06 15.10 11.18
CA TYR A 80 -5.12 14.13 11.09
C TYR A 80 -6.33 14.66 11.84
N CYS A 81 -7.48 14.01 11.65
CA CYS A 81 -8.71 14.44 12.30
C CYS A 81 -9.05 13.52 13.46
N VAL A 82 -9.96 13.98 14.31
CA VAL A 82 -10.41 13.18 15.44
C VAL A 82 -11.92 12.97 15.38
N CYS A 83 -12.46 13.00 14.17
CA CYS A 83 -13.91 12.91 14.00
C CYS A 83 -14.50 11.68 14.64
N ILE A 84 -15.64 11.88 15.30
CA ILE A 84 -16.38 10.79 15.93
C ILE A 84 -17.53 10.39 15.02
N ASP A 85 -17.59 11.01 13.85
CA ASP A 85 -18.59 10.65 12.84
C ASP A 85 -17.92 10.14 11.55
N ASP A 86 -18.60 10.34 10.42
CA ASP A 86 -18.08 9.83 9.14
C ASP A 86 -17.33 10.94 8.40
N CYS A 87 -16.88 11.95 9.13
CA CYS A 87 -16.16 13.07 8.55
C CYS A 87 -16.98 13.88 7.58
N SER A 88 -18.27 14.02 7.86
CA SER A 88 -19.16 14.92 7.13
C SER A 88 -19.25 16.31 7.75
N SER A 89 -18.67 16.51 8.92
CA SER A 89 -18.96 17.71 9.67
C SER A 89 -17.97 18.80 9.34
N SER A 90 -18.32 20.02 9.73
CA SER A 90 -17.46 21.18 9.52
C SER A 90 -16.19 21.07 10.36
N ASN A 91 -16.21 20.23 11.38
CA ASN A 91 -15.05 20.15 12.28
C ASN A 91 -13.87 19.29 11.77
N CYS A 92 -14.08 18.44 10.77
CA CYS A 92 -12.99 17.56 10.27
C CYS A 92 -11.73 18.32 9.88
N MET A 93 -10.65 18.12 10.62
CA MET A 93 -9.40 18.84 10.37
C MET A 93 -8.91 18.59 8.95
N CYS A 94 -9.12 17.38 8.45
CA CYS A 94 -8.60 17.03 7.14
C CYS A 94 -9.41 17.79 6.10
N GLY A 95 -10.69 17.96 6.37
CA GLY A 95 -11.52 18.81 5.54
C GLY A 95 -11.03 20.25 5.53
N GLN A 96 -10.62 20.75 6.69
CA GLN A 96 -10.15 22.13 6.80
C GLN A 96 -8.85 22.32 6.02
N LEU A 97 -7.99 21.33 6.05
CA LEU A 97 -6.74 21.40 5.30
C LEU A 97 -6.99 21.57 3.80
N SER A 98 -8.11 21.00 3.35
CA SER A 98 -8.52 21.02 1.94
C SER A 98 -9.33 22.26 1.58
N MET A 99 -9.45 23.18 2.54
CA MET A 99 -10.43 24.27 2.48
C MET A 99 -11.73 23.77 3.07
N ARG A 100 -12.33 22.81 2.37
CA ARG A 100 -13.40 22.01 2.92
C ARG A 100 -13.27 20.63 2.31
N CYS A 101 -13.92 19.62 2.90
CA CYS A 101 -14.02 18.35 2.20
C CYS A 101 -14.88 18.55 0.96
N TRP A 102 -14.29 18.25 -0.20
CA TRP A 102 -14.95 18.49 -1.49
C TRP A 102 -15.76 17.30 -1.99
N TYR A 103 -15.73 16.20 -1.26
CA TYR A 103 -16.38 15.00 -1.76
C TYR A 103 -17.80 14.91 -1.26
N ASP A 104 -18.72 14.57 -2.15
CA ASP A 104 -20.06 14.24 -1.74
C ASP A 104 -20.16 12.80 -1.23
N LYS A 105 -21.37 12.29 -1.07
CA LYS A 105 -21.64 10.96 -0.55
C LYS A 105 -21.22 9.84 -1.52
N ASP A 106 -21.30 10.14 -2.81
CA ASP A 106 -20.96 9.16 -3.84
C ASP A 106 -19.48 9.19 -4.16
N GLY A 107 -18.74 10.09 -3.51
CA GLY A 107 -17.32 10.24 -3.78
C GLY A 107 -16.98 11.27 -4.85
N ARG A 108 -17.97 12.02 -5.31
CA ARG A 108 -17.76 12.98 -6.39
C ARG A 108 -17.45 14.37 -5.85
N LEU A 109 -16.66 15.14 -6.60
CA LEU A 109 -16.37 16.51 -6.23
C LEU A 109 -17.62 17.35 -6.28
N LEU A 110 -17.79 18.23 -5.30
CA LEU A 110 -18.92 19.14 -5.28
C LEU A 110 -18.91 20.07 -6.48
N PRO A 111 -20.10 20.44 -6.97
CA PRO A 111 -20.24 21.36 -8.10
C PRO A 111 -19.48 22.67 -7.86
N GLU A 112 -19.30 23.03 -6.59
CA GLU A 112 -18.65 24.29 -6.25
C GLU A 112 -17.12 24.19 -6.28
N PHE A 113 -16.62 23.05 -6.72
CA PHE A 113 -15.18 22.78 -6.74
C PHE A 113 -14.54 23.56 -7.88
N ASN A 114 -13.43 24.22 -7.58
CA ASN A 114 -12.81 25.09 -8.58
C ASN A 114 -11.82 24.34 -9.48
N MET A 115 -12.31 23.93 -10.66
CA MET A 115 -11.52 23.11 -11.56
C MET A 115 -10.51 23.92 -12.35
N ALA A 116 -10.53 25.23 -12.15
CA ALA A 116 -9.63 26.09 -12.89
C ALA A 116 -8.37 26.27 -12.08
N GLU A 117 -8.56 26.35 -10.77
CA GLU A 117 -7.44 26.46 -9.83
C GLU A 117 -7.75 25.56 -8.65
N PRO A 118 -7.72 24.25 -8.87
CA PRO A 118 -8.09 23.30 -7.81
C PRO A 118 -7.25 23.48 -6.56
N PRO A 119 -7.88 23.37 -5.40
CA PRO A 119 -7.17 23.39 -4.13
C PRO A 119 -6.46 22.07 -3.91
N LEU A 120 -5.53 22.06 -2.96
CA LEU A 120 -4.88 20.83 -2.54
C LEU A 120 -5.88 20.01 -1.74
N ILE A 121 -6.01 18.73 -2.08
CA ILE A 121 -6.84 17.83 -1.28
C ILE A 121 -6.03 17.01 -0.28
N PHE A 122 -6.47 17.03 0.98
CA PHE A 122 -5.91 16.15 2.00
C PHE A 122 -6.94 15.11 2.42
N GLU A 123 -6.73 13.85 2.05
CA GLU A 123 -7.67 12.81 2.43
C GLU A 123 -7.34 12.37 3.85
N CYS A 124 -8.29 11.73 4.51
CA CYS A 124 -8.04 11.25 5.86
C CYS A 124 -6.99 10.15 5.72
N ASN A 125 -6.25 9.89 6.78
CA ASN A 125 -5.17 8.92 6.73
C ASN A 125 -5.20 7.96 7.93
N HIS A 126 -4.19 7.10 8.02
CA HIS A 126 -4.12 6.09 9.05
C HIS A 126 -3.87 6.68 10.42
N ALA A 127 -3.53 7.96 10.49
CA ALA A 127 -3.38 8.63 11.79
C ALA A 127 -4.68 9.20 12.30
N CYS A 128 -5.66 9.38 11.41
CA CYS A 128 -6.99 9.86 11.79
C CYS A 128 -7.73 8.90 12.73
N SER A 129 -8.61 9.46 13.55
CA SER A 129 -9.44 8.66 14.45
C SER A 129 -10.61 8.03 13.73
N CYS A 130 -10.88 8.50 12.52
CA CYS A 130 -12.08 8.06 11.80
C CYS A 130 -11.91 6.64 11.24
N TRP A 131 -13.00 6.08 10.72
CA TRP A 131 -12.96 4.77 10.09
C TRP A 131 -12.52 4.82 8.63
N ARG A 132 -12.08 3.67 8.12
CA ARG A 132 -11.54 3.56 6.77
C ARG A 132 -12.56 3.92 5.69
N ASN A 133 -13.84 3.76 6.00
CA ASN A 133 -14.90 4.07 5.04
C ASN A 133 -15.46 5.49 5.24
N CYS A 134 -14.71 6.31 5.99
CA CYS A 134 -15.06 7.72 6.16
C CYS A 134 -15.23 8.45 4.81
N ARG A 135 -15.89 9.60 4.86
CA ARG A 135 -16.27 10.33 3.65
C ARG A 135 -15.07 10.92 2.90
N ASN A 136 -14.02 11.26 3.66
CA ASN A 136 -12.89 11.97 3.09
C ASN A 136 -11.83 11.04 2.48
N ARG A 137 -12.28 10.05 1.70
CA ARG A 137 -11.43 8.98 1.19
C ARG A 137 -11.93 8.59 -0.18
N VAL A 138 -11.17 8.91 -1.23
CA VAL A 138 -11.61 8.63 -2.57
C VAL A 138 -10.45 8.13 -3.40
N VAL A 139 -9.46 9.00 -3.59
CA VAL A 139 -8.31 8.66 -4.40
C VAL A 139 -7.62 7.40 -3.87
N GLN A 140 -7.55 7.27 -2.54
CA GLN A 140 -6.89 6.15 -1.89
C GLN A 140 -7.65 4.83 -2.04
N ASN A 141 -8.84 4.86 -2.62
CA ASN A 141 -9.59 3.64 -2.83
C ASN A 141 -9.34 3.07 -4.21
N GLY A 142 -8.51 3.76 -4.98
CA GLY A 142 -8.07 3.26 -6.26
C GLY A 142 -9.11 3.35 -7.36
N LEU A 143 -8.82 2.67 -8.46
CA LEU A 143 -9.58 2.75 -9.71
C LEU A 143 -11.00 2.24 -9.56
N ARG A 144 -11.97 3.02 -10.05
CA ARG A 144 -13.36 2.59 -10.01
C ARG A 144 -14.01 2.62 -11.39
N ALA A 145 -13.30 3.19 -12.36
CA ALA A 145 -13.84 3.34 -13.70
C ALA A 145 -13.34 2.25 -14.62
N ARG A 146 -14.16 1.83 -15.57
CA ARG A 146 -13.74 0.87 -16.57
C ARG A 146 -13.07 1.57 -17.74
N LEU A 147 -11.76 1.41 -17.85
CA LEU A 147 -10.98 2.10 -18.86
C LEU A 147 -10.42 1.13 -19.87
N GLN A 148 -9.91 1.66 -20.98
CA GLN A 148 -9.36 0.83 -22.02
C GLN A 148 -8.29 1.58 -22.79
N LEU A 149 -7.16 0.90 -22.97
CA LEU A 149 -6.07 1.37 -23.81
C LEU A 149 -6.34 0.95 -25.24
N TYR A 150 -6.38 1.92 -26.14
CA TYR A 150 -6.66 1.62 -27.52
C TYR A 150 -5.80 2.46 -28.44
N ARG A 151 -5.68 2.04 -29.70
CA ARG A 151 -4.83 2.72 -30.68
C ARG A 151 -5.65 3.80 -31.40
N THR A 152 -5.19 5.05 -31.32
CA THR A 152 -5.87 6.14 -32.01
C THR A 152 -5.44 6.17 -33.46
N ARG A 153 -6.21 6.87 -34.29
CA ARG A 153 -5.85 7.02 -35.69
C ARG A 153 -4.77 8.09 -35.86
N ASP A 154 -4.76 9.08 -34.97
CA ASP A 154 -3.92 10.27 -35.16
C ASP A 154 -2.80 10.48 -34.14
N MET A 155 -2.93 9.92 -32.94
CA MET A 155 -2.05 10.30 -31.82
C MET A 155 -1.28 9.16 -31.15
N GLY A 156 -1.23 7.99 -31.76
CA GLY A 156 -0.61 6.85 -31.10
C GLY A 156 -1.61 6.18 -30.18
N TRP A 157 -1.14 5.75 -29.01
CA TRP A 157 -2.04 5.10 -28.06
C TRP A 157 -2.84 6.15 -27.28
N GLY A 158 -3.99 5.74 -26.75
CA GLY A 158 -4.84 6.61 -25.97
C GLY A 158 -5.68 5.81 -25.01
N VAL A 159 -6.38 6.48 -24.11
CA VAL A 159 -7.21 5.78 -23.15
C VAL A 159 -8.64 6.24 -23.30
N ARG A 160 -9.58 5.30 -23.31
CA ARG A 160 -10.98 5.71 -23.38
C ARG A 160 -11.75 5.04 -22.27
N SER A 161 -12.87 5.64 -21.91
CA SER A 161 -13.77 5.07 -20.93
C SER A 161 -14.75 4.13 -21.60
N LEU A 162 -15.13 3.06 -20.91
CA LEU A 162 -16.02 2.06 -21.47
C LEU A 162 -17.42 2.21 -20.92
N GLN A 163 -17.64 3.30 -20.19
CA GLN A 163 -18.92 3.50 -19.53
C GLN A 163 -19.11 4.98 -19.21
N ASP A 164 -20.34 5.34 -18.87
CA ASP A 164 -20.64 6.71 -18.53
C ASP A 164 -19.94 7.04 -17.22
N ILE A 165 -19.14 8.11 -17.21
CA ILE A 165 -18.57 8.65 -15.99
C ILE A 165 -19.18 10.00 -15.66
N PRO A 166 -19.85 10.10 -14.52
CA PRO A 166 -20.41 11.37 -14.02
C PRO A 166 -19.30 12.37 -13.72
N PRO A 167 -19.64 13.66 -13.69
CA PRO A 167 -18.63 14.71 -13.47
C PRO A 167 -18.17 14.73 -12.02
N GLY A 168 -16.98 15.28 -11.81
CA GLY A 168 -16.39 15.33 -10.48
C GLY A 168 -15.95 13.96 -10.00
N THR A 169 -15.82 13.01 -10.91
CA THR A 169 -15.38 11.65 -10.52
C THR A 169 -13.88 11.42 -10.63
N PHE A 170 -13.30 10.83 -9.58
CA PHE A 170 -11.93 10.32 -9.66
C PHE A 170 -11.82 9.24 -10.74
N VAL A 171 -10.90 9.41 -11.67
CA VAL A 171 -10.75 8.47 -12.77
C VAL A 171 -9.47 7.66 -12.66
N CYS A 172 -8.34 8.36 -12.58
CA CYS A 172 -7.07 7.67 -12.39
C CYS A 172 -5.99 8.62 -11.86
N GLU A 173 -4.88 8.04 -11.44
CA GLU A 173 -3.82 8.84 -10.88
C GLU A 173 -2.68 8.85 -11.90
N TYR A 174 -1.92 9.94 -11.97
CA TYR A 174 -0.75 9.98 -12.81
C TYR A 174 0.41 9.36 -12.04
N VAL A 175 0.69 8.10 -12.35
CA VAL A 175 1.69 7.35 -11.64
C VAL A 175 2.96 7.19 -12.47
N GLY A 176 4.11 7.31 -11.82
CA GLY A 176 5.39 6.96 -12.43
C GLY A 176 6.56 7.02 -11.47
N GLU A 177 7.74 7.31 -12.02
CA GLU A 177 8.97 7.39 -11.24
C GLU A 177 9.17 8.80 -10.66
N LEU A 178 9.23 8.91 -9.34
CA LEU A 178 9.48 10.21 -8.72
C LEU A 178 10.94 10.58 -8.83
N ILE A 179 11.23 11.71 -9.46
CA ILE A 179 12.62 12.15 -9.63
C ILE A 179 12.77 13.64 -9.32
N SER A 180 14.01 14.08 -9.21
CA SER A 180 14.33 15.47 -8.89
C SER A 180 14.31 16.36 -10.12
N ASP A 181 14.08 17.65 -9.88
CA ASP A 181 14.22 18.72 -10.87
C ASP A 181 15.36 18.47 -11.85
N SER A 182 16.58 18.37 -11.33
CA SER A 182 17.79 18.30 -12.15
C SER A 182 17.95 16.96 -12.88
N GLU A 183 17.52 15.87 -12.25
CA GLU A 183 17.49 14.59 -12.94
C GLU A 183 16.50 14.63 -14.10
N ALA A 184 15.41 15.33 -13.88
CA ALA A 184 14.38 15.41 -14.90
C ALA A 184 14.88 16.23 -16.10
N ASP A 185 15.72 17.23 -15.83
CA ASP A 185 16.27 18.07 -16.90
C ASP A 185 17.17 17.29 -17.86
N VAL A 186 17.65 16.13 -17.43
CA VAL A 186 18.54 15.34 -18.30
C VAL A 186 17.85 14.16 -18.97
N ARG A 187 16.58 13.93 -18.64
CA ARG A 187 15.85 12.84 -19.28
C ARG A 187 15.60 13.14 -20.77
N GLU A 188 16.17 12.32 -21.64
CA GLU A 188 16.06 12.55 -23.07
C GLU A 188 14.74 12.08 -23.62
N GLU A 189 14.18 11.02 -23.04
CA GLU A 189 12.82 10.61 -23.42
C GLU A 189 11.81 11.34 -22.55
N ASP A 190 11.34 12.49 -23.05
CA ASP A 190 10.70 13.49 -22.21
C ASP A 190 9.22 13.70 -22.51
N SER A 191 8.56 12.68 -23.06
CA SER A 191 7.16 12.84 -23.45
C SER A 191 6.20 12.40 -22.34
N TYR A 192 6.77 12.00 -21.20
CA TYR A 192 5.97 11.44 -20.12
C TYR A 192 6.22 12.11 -18.77
N LEU A 193 6.64 13.37 -18.78
CA LEU A 193 7.00 14.06 -17.55
C LEU A 193 5.82 14.82 -16.97
N PHE A 194 5.67 14.75 -15.65
CA PHE A 194 4.67 15.53 -14.97
C PHE A 194 5.31 16.30 -13.82
N ASP A 195 5.34 17.61 -13.95
CA ASP A 195 6.04 18.43 -12.97
C ASP A 195 5.19 18.65 -11.72
N LEU A 196 5.87 18.56 -10.58
CA LEU A 196 5.25 18.83 -9.29
C LEU A 196 5.89 20.09 -8.74
N ASP A 197 5.21 21.22 -8.91
CA ASP A 197 5.74 22.50 -8.43
C ASP A 197 5.05 22.95 -7.14
N ASN A 198 5.77 22.85 -6.03
CA ASN A 198 5.25 23.34 -4.74
C ASN A 198 4.89 24.84 -4.83
N LYS A 199 3.96 25.27 -3.98
CA LYS A 199 3.64 26.70 -3.80
C LYS A 199 4.85 27.42 -3.21
N ASP A 200 5.73 26.65 -2.58
CA ASP A 200 6.95 27.18 -1.97
C ASP A 200 8.02 27.38 -3.04
N GLY A 201 7.80 26.82 -4.23
CA GLY A 201 8.71 27.02 -5.35
C GLY A 201 9.58 25.81 -5.61
N GLU A 202 9.49 24.82 -4.73
CA GLU A 202 10.27 23.59 -4.89
C GLU A 202 9.63 22.72 -5.98
N VAL A 203 10.47 22.01 -6.74
CA VAL A 203 9.99 21.23 -7.89
C VAL A 203 10.58 19.83 -8.02
N TYR A 204 9.70 18.85 -8.13
CA TYR A 204 10.06 17.49 -8.48
C TYR A 204 9.23 17.11 -9.68
N CYS A 205 9.29 15.85 -10.06
CA CYS A 205 8.68 15.43 -11.30
C CYS A 205 8.31 13.95 -11.25
N ILE A 206 7.21 13.60 -11.94
CA ILE A 206 6.88 12.21 -12.17
C ILE A 206 7.13 11.90 -13.62
N ASP A 207 8.04 10.95 -13.85
CA ASP A 207 8.37 10.48 -15.20
C ASP A 207 7.76 9.11 -15.41
N ALA A 208 6.78 9.01 -16.29
CA ALA A 208 6.12 7.75 -16.55
C ALA A 208 6.74 7.04 -17.75
N ARG A 209 7.95 7.43 -18.14
CA ARG A 209 8.54 6.83 -19.34
C ARG A 209 8.83 5.34 -19.15
N PHE A 210 9.50 5.00 -18.06
CA PHE A 210 9.98 3.63 -17.88
C PHE A 210 9.08 2.87 -16.94
N TYR A 211 8.61 3.56 -15.90
CA TYR A 211 7.68 2.99 -14.95
C TYR A 211 6.46 3.89 -14.96
N GLY A 212 5.28 3.31 -15.19
CA GLY A 212 4.08 4.11 -15.24
C GLY A 212 2.81 3.31 -15.30
N ASN A 213 1.69 3.99 -15.06
CA ASN A 213 0.39 3.33 -15.12
C ASN A 213 -0.35 3.81 -16.34
N VAL A 214 -1.64 3.51 -16.40
CA VAL A 214 -2.42 3.85 -17.59
C VAL A 214 -2.38 5.36 -17.93
N SER A 215 -2.14 6.22 -16.95
CA SER A 215 -2.17 7.67 -17.20
C SER A 215 -1.10 8.15 -18.18
N ARG A 216 0.00 7.44 -18.28
CA ARG A 216 1.05 7.79 -19.22
C ARG A 216 0.49 7.87 -20.65
N PHE A 217 -0.60 7.16 -20.90
CA PHE A 217 -1.14 7.07 -22.25
C PHE A 217 -2.28 8.04 -22.51
N ILE A 218 -2.66 8.85 -21.52
CA ILE A 218 -3.73 9.82 -21.75
C ILE A 218 -3.21 11.00 -22.56
N ASN A 219 -3.90 11.30 -23.65
CA ASN A 219 -3.45 12.34 -24.57
C ASN A 219 -3.96 13.75 -24.21
N HIS A 220 -3.28 14.76 -24.73
CA HIS A 220 -3.71 16.13 -24.51
C HIS A 220 -5.00 16.42 -25.28
N HIS A 221 -5.88 17.19 -24.68
CA HIS A 221 -7.03 17.70 -25.39
C HIS A 221 -7.26 19.14 -24.97
N CYS A 222 -7.61 20.01 -25.90
CA CYS A 222 -7.76 21.43 -25.58
C CYS A 222 -9.05 21.77 -24.83
N GLU A 223 -10.07 20.92 -24.98
CA GLU A 223 -11.29 20.99 -24.17
C GLU A 223 -11.39 19.78 -23.24
N PRO A 224 -10.57 19.78 -22.18
CA PRO A 224 -10.36 18.48 -21.53
C PRO A 224 -11.55 17.98 -20.71
N ASN A 225 -11.81 16.67 -20.76
CA ASN A 225 -12.77 16.09 -19.83
C ASN A 225 -12.11 15.64 -18.52
N LEU A 226 -10.80 15.88 -18.38
CA LEU A 226 -10.11 15.58 -17.12
C LEU A 226 -9.32 16.77 -16.57
N VAL A 227 -9.34 16.95 -15.26
CA VAL A 227 -8.46 17.91 -14.59
C VAL A 227 -7.63 17.25 -13.47
N PRO A 228 -6.33 17.58 -13.40
CA PRO A 228 -5.47 17.05 -12.34
C PRO A 228 -5.55 17.86 -11.08
N VAL A 229 -5.54 17.16 -9.96
CA VAL A 229 -5.68 17.75 -8.64
C VAL A 229 -4.59 17.16 -7.79
N ARG A 230 -3.91 18.00 -7.02
CA ARG A 230 -2.86 17.55 -6.12
C ARG A 230 -3.49 17.00 -4.85
N VAL A 231 -3.08 15.77 -4.48
CA VAL A 231 -3.71 15.07 -3.37
C VAL A 231 -2.70 14.43 -2.44
N PHE A 232 -2.99 14.52 -1.15
CA PHE A 232 -2.15 13.91 -0.13
C PHE A 232 -2.95 12.85 0.62
N MET A 233 -2.30 11.72 0.91
CA MET A 233 -2.96 10.61 1.58
C MET A 233 -2.15 10.04 2.76
N ALA A 234 -1.26 9.09 2.49
CA ALA A 234 -0.53 8.44 3.58
C ALA A 234 0.60 9.32 4.11
N HIS A 235 1.04 10.28 3.30
CA HIS A 235 2.01 11.27 3.77
C HIS A 235 1.55 12.67 3.39
N GLN A 236 2.14 13.65 4.06
CA GLN A 236 1.81 15.05 3.82
C GLN A 236 3.07 15.86 3.51
N ASP A 237 4.03 15.21 2.87
CA ASP A 237 5.24 15.88 2.39
C ASP A 237 4.89 16.65 1.14
N LEU A 238 4.83 17.97 1.27
CA LEU A 238 4.28 18.84 0.25
C LEU A 238 5.10 18.89 -1.05
N ARG A 239 6.30 18.33 -1.04
CA ARG A 239 7.12 18.23 -2.26
C ARG A 239 6.57 17.16 -3.19
N PHE A 240 5.78 16.25 -2.65
CA PHE A 240 5.31 15.12 -3.43
C PHE A 240 3.81 14.94 -3.36
N PRO A 241 3.09 15.89 -3.96
CA PRO A 241 1.65 15.67 -4.14
C PRO A 241 1.50 14.44 -5.02
N ARG A 242 0.38 13.75 -4.96
CA ARG A 242 0.08 12.72 -5.93
C ARG A 242 -0.98 13.31 -6.86
N ILE A 243 -0.90 13.00 -8.14
CA ILE A 243 -1.73 13.66 -9.15
C ILE A 243 -2.96 12.85 -9.54
N ALA A 244 -4.14 13.35 -9.16
CA ALA A 244 -5.39 12.66 -9.40
C ALA A 244 -6.20 13.34 -10.50
N PHE A 245 -6.66 12.58 -11.50
CA PHE A 245 -7.53 13.15 -12.52
C PHE A 245 -8.99 12.97 -12.19
N PHE A 246 -9.74 14.08 -12.12
CA PHE A 246 -11.19 14.03 -11.98
C PHE A 246 -11.85 14.52 -13.25
N SER A 247 -12.96 13.87 -13.62
CA SER A 247 -13.78 14.28 -14.76
C SER A 247 -14.35 15.67 -14.49
N THR A 248 -14.39 16.49 -15.54
CA THR A 248 -14.86 17.86 -15.42
C THR A 248 -16.28 17.99 -15.96
N ARG A 249 -16.82 16.88 -16.41
CA ARG A 249 -18.15 16.82 -16.98
C ARG A 249 -18.47 15.36 -17.19
N LEU A 250 -19.69 15.08 -17.63
CA LEU A 250 -20.04 13.72 -17.98
C LEU A 250 -19.15 13.28 -19.12
N ILE A 251 -18.50 12.15 -18.93
CA ILE A 251 -17.77 11.53 -20.00
C ILE A 251 -18.62 10.37 -20.47
N GLU A 252 -18.83 10.28 -21.77
CA GLU A 252 -19.70 9.23 -22.31
C GLU A 252 -18.96 7.95 -22.59
N ALA A 253 -19.67 6.83 -22.47
CA ALA A 253 -19.07 5.55 -22.79
C ALA A 253 -18.42 5.60 -24.18
N GLY A 254 -17.20 5.12 -24.30
CA GLY A 254 -16.47 5.18 -25.57
C GLY A 254 -15.58 6.41 -25.74
N GLU A 255 -15.78 7.43 -24.92
CA GLU A 255 -15.09 8.71 -25.09
C GLU A 255 -13.61 8.65 -24.68
N GLN A 256 -12.72 9.15 -25.53
CA GLN A 256 -11.30 9.23 -25.15
C GLN A 256 -11.10 10.19 -23.99
N LEU A 257 -10.19 9.83 -23.09
CA LEU A 257 -9.84 10.68 -21.97
C LEU A 257 -8.81 11.69 -22.44
N GLY A 258 -8.83 12.87 -21.84
CA GLY A 258 -7.82 13.86 -22.15
C GLY A 258 -7.72 14.91 -21.08
N PHE A 259 -6.51 15.36 -20.82
CA PHE A 259 -6.33 16.56 -20.03
C PHE A 259 -5.42 17.53 -20.76
N ASP A 260 -5.38 18.76 -20.28
CA ASP A 260 -4.55 19.80 -20.83
C ASP A 260 -3.12 19.65 -20.34
N TYR A 261 -2.21 19.21 -21.20
CA TYR A 261 -0.81 19.09 -20.83
C TYR A 261 -0.23 20.41 -20.34
N GLY A 262 -0.82 21.51 -20.76
CA GLY A 262 -0.37 22.82 -20.32
C GLY A 262 0.64 23.47 -21.25
N GLU A 263 0.96 24.72 -20.96
CA GLU A 263 1.70 25.57 -21.88
C GLU A 263 3.20 25.25 -21.92
N ARG A 264 3.78 24.87 -20.78
CA ARG A 264 5.19 24.55 -20.73
C ARG A 264 5.50 23.39 -21.66
N PHE A 265 4.62 22.41 -21.69
CA PHE A 265 4.76 21.25 -22.58
C PHE A 265 4.71 21.69 -24.04
N TRP A 266 3.68 22.45 -24.41
CA TRP A 266 3.52 22.86 -25.81
C TRP A 266 4.57 23.85 -26.33
N ASP A 267 5.03 24.78 -25.50
CA ASP A 267 6.10 25.69 -25.93
C ASP A 267 7.27 24.89 -26.48
N ILE A 268 7.47 23.67 -25.96
CA ILE A 268 8.58 22.83 -26.42
C ILE A 268 8.23 21.86 -27.53
N LYS A 269 7.18 21.06 -27.31
CA LYS A 269 6.78 20.06 -28.30
C LYS A 269 6.11 20.68 -29.53
N GLY A 270 5.51 21.85 -29.36
CA GLY A 270 4.90 22.59 -30.45
C GLY A 270 5.87 22.87 -31.58
N LYS A 271 7.17 22.87 -31.27
CA LYS A 271 8.20 23.07 -32.28
C LYS A 271 8.38 21.82 -33.15
N LEU A 272 7.86 20.69 -32.66
CA LEU A 272 8.06 19.40 -33.34
C LEU A 272 6.80 18.85 -33.95
N PHE A 273 5.67 19.14 -33.33
CA PHE A 273 4.41 18.69 -33.90
C PHE A 273 3.27 19.54 -33.37
N SER A 274 2.12 19.39 -34.00
CA SER A 274 0.96 20.20 -33.66
C SER A 274 -0.08 19.33 -32.97
N CYS A 275 -0.91 19.97 -32.17
CA CYS A 275 -1.97 19.28 -31.45
C CYS A 275 -3.03 18.82 -32.44
N ARG A 276 -3.40 17.55 -32.38
CA ARG A 276 -4.44 17.05 -33.27
C ARG A 276 -5.67 16.66 -32.48
N CYS A 277 -5.92 17.35 -31.37
CA CYS A 277 -7.04 16.99 -30.50
C CYS A 277 -8.35 17.09 -31.28
N GLY A 278 -8.36 17.93 -32.31
CA GLY A 278 -9.49 18.01 -33.21
C GLY A 278 -10.57 18.99 -32.78
N SER A 279 -10.32 19.69 -31.67
CA SER A 279 -11.31 20.66 -31.18
C SER A 279 -11.40 21.84 -32.13
N PRO A 280 -12.60 22.40 -32.29
CA PRO A 280 -12.74 23.65 -33.06
C PRO A 280 -12.15 24.84 -32.30
N LYS A 281 -11.89 24.67 -31.01
CA LYS A 281 -11.23 25.69 -30.20
C LYS A 281 -9.79 25.27 -29.88
N CYS A 282 -9.23 24.39 -30.71
CA CYS A 282 -7.87 23.89 -30.49
C CYS A 282 -6.87 25.05 -30.48
N ARG A 283 -6.03 25.07 -29.44
CA ARG A 283 -5.17 26.19 -29.17
C ARG A 283 -3.75 25.96 -29.63
N HIS A 284 -3.50 24.76 -30.15
CA HIS A 284 -2.14 24.37 -30.49
C HIS A 284 -2.12 23.63 -31.81
N SER A 285 -3.10 23.92 -32.66
CA SER A 285 -3.26 23.18 -33.90
C SER A 285 -2.16 23.51 -34.88
N THR B 3 19.69 22.92 -22.42
CA THR B 3 18.64 23.91 -22.24
C THR B 3 17.43 23.63 -23.12
N ALA B 4 16.80 24.70 -23.61
CA ALA B 4 15.38 24.71 -23.90
C ALA B 4 14.76 24.87 -22.52
N ARG B 5 14.10 23.81 -22.06
CA ARG B 5 13.81 23.64 -20.64
C ARG B 5 13.26 22.24 -20.51
N MLY B 6 12.27 22.04 -19.65
CA MLY B 6 11.68 20.74 -19.52
CB MLY B 6 11.85 20.23 -18.11
CG MLY B 6 11.82 18.73 -17.99
CD MLY B 6 12.02 18.34 -16.54
CE MLY B 6 11.04 19.07 -15.65
NZ MLY B 6 11.64 19.25 -14.30
CH1 MLY B 6 12.94 19.89 -14.53
CH2 MLY B 6 10.80 20.22 -13.59
C MLY B 6 10.21 20.74 -19.92
O MLY B 6 9.46 21.65 -19.61
N VAL B 7 9.82 19.68 -20.63
CA VAL B 7 8.52 19.59 -21.27
C VAL B 7 7.44 18.95 -20.36
N GLY B 8 7.38 19.40 -19.11
CA GLY B 8 6.46 18.80 -18.15
C GLY B 8 5.01 19.25 -18.27
N ARG B 9 4.07 18.36 -17.96
CA ARG B 9 2.67 18.73 -17.74
C ARG B 9 2.63 19.45 -16.38
N PRO B 10 1.52 20.16 -16.04
CA PRO B 10 0.25 20.45 -16.71
C PRO B 10 0.03 21.96 -16.98
N GLY B 11 -1.23 22.32 -17.24
CA GLY B 11 -1.63 23.71 -17.46
C GLY B 11 -3.12 23.85 -17.68
N VAL C 25 -20.92 -12.58 31.05
CA VAL C 25 -21.47 -12.64 29.69
C VAL C 25 -20.53 -11.99 28.67
N GLU C 26 -20.52 -12.52 27.45
CA GLU C 26 -19.68 -11.99 26.37
C GLU C 26 -20.05 -10.53 26.08
N ARG C 27 -19.28 -9.61 26.66
CA ARG C 27 -19.53 -8.18 26.49
C ARG C 27 -18.70 -7.59 25.36
N ILE C 28 -19.38 -7.29 24.25
CA ILE C 28 -18.74 -6.66 23.08
C ILE C 28 -18.31 -5.21 23.38
N VAL C 29 -17.06 -5.01 23.74
CA VAL C 29 -16.57 -3.65 24.01
C VAL C 29 -16.05 -2.93 22.77
N SER C 30 -16.09 -3.59 21.61
CA SER C 30 -15.74 -2.96 20.34
C SER C 30 -16.09 -3.88 19.18
N ARG C 31 -16.59 -3.31 18.09
CA ARG C 31 -16.95 -4.12 16.92
C ARG C 31 -15.79 -4.28 15.94
N ASP C 32 -14.76 -3.45 16.10
CA ASP C 32 -13.59 -3.53 15.21
C ASP C 32 -12.50 -2.64 15.72
N ILE C 33 -11.57 -3.22 16.47
CA ILE C 33 -10.41 -2.46 16.92
C ILE C 33 -9.66 -1.84 15.74
N ALA C 34 -9.91 -2.32 14.51
CA ALA C 34 -9.16 -1.84 13.35
C ALA C 34 -9.89 -0.78 12.53
N ARG C 35 -11.07 -0.38 12.98
CA ARG C 35 -11.79 0.72 12.36
C ARG C 35 -11.91 0.49 10.86
N GLY C 36 -12.02 -0.76 10.44
CA GLY C 36 -12.22 -1.05 9.04
C GLY C 36 -10.96 -1.09 8.21
N TYR C 37 -9.78 -1.05 8.82
CA TYR C 37 -8.54 -1.13 8.02
C TYR C 37 -8.17 -2.52 7.54
N GLU C 38 -8.65 -3.56 8.22
CA GLU C 38 -8.42 -4.93 7.77
C GLU C 38 -9.57 -5.39 6.89
N ARG C 39 -9.39 -6.49 6.18
CA ARG C 39 -10.44 -6.98 5.28
C ARG C 39 -11.64 -7.45 6.08
N ILE C 40 -11.40 -7.91 7.29
CA ILE C 40 -12.46 -8.35 8.18
C ILE C 40 -12.32 -7.59 9.49
N PRO C 41 -13.44 -7.37 10.21
CA PRO C 41 -13.39 -6.66 11.48
C PRO C 41 -12.66 -7.50 12.53
N ILE C 42 -12.14 -6.86 13.56
CA ILE C 42 -11.53 -7.59 14.65
C ILE C 42 -12.16 -7.05 15.91
N PRO C 43 -13.27 -7.67 16.33
CA PRO C 43 -14.02 -7.29 17.53
C PRO C 43 -13.17 -7.49 18.77
N CYS C 44 -13.49 -6.76 19.83
CA CYS C 44 -12.90 -7.00 21.15
C CYS C 44 -14.02 -7.40 22.10
N VAL C 45 -13.80 -8.43 22.91
CA VAL C 45 -14.77 -8.79 23.94
C VAL C 45 -14.08 -8.94 25.28
N ASN C 46 -14.85 -8.68 26.35
CA ASN C 46 -14.39 -8.89 27.71
C ASN C 46 -15.45 -9.66 28.49
N ALA C 47 -15.03 -10.72 29.17
CA ALA C 47 -15.97 -11.58 29.88
C ALA C 47 -15.31 -12.09 31.16
N VAL C 48 -14.37 -11.30 31.67
CA VAL C 48 -13.69 -11.65 32.90
C VAL C 48 -13.54 -10.45 33.82
N ASP C 49 -13.74 -9.25 33.29
CA ASP C 49 -13.64 -8.06 34.12
C ASP C 49 -14.21 -6.82 33.45
N SER C 50 -13.79 -5.66 33.94
CA SER C 50 -14.39 -4.39 33.54
C SER C 50 -13.54 -3.64 32.54
N GLU C 51 -12.26 -3.99 32.49
CA GLU C 51 -11.30 -3.35 31.58
C GLU C 51 -11.97 -3.11 30.24
N PRO C 52 -11.96 -1.86 29.78
CA PRO C 52 -12.55 -1.49 28.49
C PRO C 52 -11.59 -1.83 27.36
N CYS C 53 -12.08 -1.87 26.12
CA CYS C 53 -11.22 -2.06 24.96
C CYS C 53 -9.98 -1.18 25.06
N PRO C 54 -8.78 -1.80 24.99
CA PRO C 54 -7.49 -1.11 25.13
C PRO C 54 -7.45 0.10 24.22
N SER C 55 -6.82 1.19 24.65
CA SER C 55 -6.84 2.40 23.84
C SER C 55 -5.57 3.21 24.01
N ASN C 56 -4.59 2.67 24.71
CA ASN C 56 -3.37 3.43 24.90
C ASN C 56 -2.33 3.11 23.82
N TYR C 57 -2.80 2.92 22.60
CA TYR C 57 -1.93 2.74 21.43
C TYR C 57 -2.76 3.16 20.24
N LYS C 58 -2.12 3.34 19.10
CA LYS C 58 -2.83 3.62 17.87
C LYS C 58 -2.84 2.37 16.97
N TYR C 59 -4.02 1.92 16.53
CA TYR C 59 -4.05 0.78 15.63
C TYR C 59 -3.61 1.21 14.24
N VAL C 60 -2.58 0.55 13.70
CA VAL C 60 -2.16 0.71 12.32
C VAL C 60 -2.04 -0.67 11.72
N SER C 61 -2.49 -0.85 10.47
CA SER C 61 -2.50 -2.17 9.86
C SER C 61 -1.25 -2.47 9.00
N GLN C 62 -0.36 -1.50 8.85
CA GLN C 62 0.93 -1.66 8.17
C GLN C 62 2.00 -0.99 9.01
N ASN C 63 3.23 -1.49 8.90
CA ASN C 63 4.35 -0.88 9.59
C ASN C 63 4.48 0.63 9.30
N CYS C 64 5.03 1.36 10.25
CA CYS C 64 5.25 2.78 10.10
C CYS C 64 6.61 3.13 10.72
N VAL C 65 7.04 4.38 10.57
CA VAL C 65 8.25 4.87 11.25
C VAL C 65 7.96 6.18 11.94
N THR C 66 8.82 6.52 12.90
CA THR C 66 8.93 7.90 13.34
C THR C 66 10.23 8.49 12.78
N SER C 67 11.37 8.21 13.41
CA SER C 67 12.65 8.52 12.78
C SER C 67 12.81 7.73 11.47
N PRO C 68 13.40 8.35 10.45
CA PRO C 68 13.54 7.71 9.14
C PRO C 68 14.45 6.49 9.17
N MET C 69 13.93 5.41 8.60
CA MET C 69 14.75 4.26 8.30
C MET C 69 15.02 4.39 6.79
N ASN C 70 16.28 4.25 6.40
CA ASN C 70 16.67 4.43 5.02
C ASN C 70 16.47 3.12 4.26
N ILE C 71 15.23 2.66 4.21
CA ILE C 71 14.91 1.38 3.57
C ILE C 71 15.18 1.52 2.09
N ASP C 72 15.91 0.59 1.52
CA ASP C 72 16.24 0.65 0.12
C ASP C 72 14.97 0.41 -0.71
N ARG C 73 14.38 1.48 -1.22
CA ARG C 73 13.21 1.31 -2.09
C ARG C 73 13.48 1.56 -3.59
N ASN C 74 14.75 1.60 -4.00
CA ASN C 74 15.10 1.70 -5.42
C ASN C 74 14.57 0.50 -6.22
N ILE C 75 13.62 0.75 -7.10
CA ILE C 75 12.97 -0.35 -7.81
C ILE C 75 13.94 -1.16 -8.69
N THR C 76 15.07 -0.58 -9.08
CA THR C 76 16.00 -1.32 -9.93
C THR C 76 16.84 -2.31 -9.13
N HIS C 77 16.81 -2.20 -7.81
CA HIS C 77 17.50 -3.16 -6.96
C HIS C 77 16.68 -4.42 -6.70
N LEU C 78 15.42 -4.45 -7.10
CA LEU C 78 14.60 -5.62 -6.86
C LEU C 78 15.00 -6.82 -7.73
N GLN C 79 15.22 -7.98 -7.11
CA GLN C 79 15.28 -9.22 -7.87
C GLN C 79 13.84 -9.61 -8.20
N TYR C 80 13.60 -10.16 -9.38
CA TYR C 80 12.25 -10.48 -9.80
C TYR C 80 12.23 -11.58 -10.83
N CYS C 81 11.04 -12.09 -11.10
CA CYS C 81 10.89 -13.24 -11.97
C CYS C 81 10.25 -12.82 -13.28
N VAL C 82 10.44 -13.63 -14.31
CA VAL C 82 9.89 -13.30 -15.63
C VAL C 82 8.91 -14.36 -16.09
N CYS C 83 8.26 -15.01 -15.13
CA CYS C 83 7.35 -16.12 -15.41
C CYS C 83 6.14 -15.72 -16.27
N ILE C 84 5.71 -16.64 -17.12
CA ILE C 84 4.53 -16.46 -17.95
C ILE C 84 3.39 -17.37 -17.51
N ASP C 85 3.65 -18.21 -16.50
CA ASP C 85 2.57 -18.99 -15.89
C ASP C 85 2.13 -18.31 -14.59
N ASP C 86 1.65 -19.08 -13.62
CA ASP C 86 1.26 -18.55 -12.33
C ASP C 86 2.37 -18.77 -11.32
N CYS C 87 3.59 -18.83 -11.83
CA CYS C 87 4.80 -19.01 -11.03
C CYS C 87 4.79 -20.33 -10.25
N SER C 88 4.31 -21.39 -10.89
CA SER C 88 4.34 -22.73 -10.31
C SER C 88 5.63 -23.51 -10.59
N SER C 89 6.44 -23.05 -11.53
CA SER C 89 7.60 -23.83 -11.97
C SER C 89 8.85 -23.54 -11.15
N SER C 90 9.80 -24.47 -11.20
CA SER C 90 11.07 -24.28 -10.53
C SER C 90 11.86 -23.15 -11.17
N ASN C 91 11.33 -22.61 -12.27
CA ASN C 91 12.02 -21.54 -12.98
C ASN C 91 11.84 -20.12 -12.40
N CYS C 92 10.90 -19.96 -11.48
CA CYS C 92 10.60 -18.65 -10.89
C CYS C 92 11.72 -18.16 -9.97
N MET C 93 12.37 -17.07 -10.34
CA MET C 93 13.50 -16.54 -9.56
C MET C 93 13.10 -16.25 -8.11
N CYS C 94 11.85 -15.81 -7.93
CA CYS C 94 11.37 -15.47 -6.61
C CYS C 94 11.26 -16.75 -5.79
N GLY C 95 10.70 -17.79 -6.41
CA GLY C 95 10.73 -19.14 -5.83
C GLY C 95 12.14 -19.59 -5.44
N GLN C 96 13.12 -19.33 -6.31
CA GLN C 96 14.49 -19.73 -6.02
C GLN C 96 15.11 -18.96 -4.86
N LEU C 97 14.82 -17.67 -4.78
CA LEU C 97 15.34 -16.86 -3.69
C LEU C 97 14.83 -17.42 -2.35
N SER C 98 13.68 -18.08 -2.41
CA SER C 98 13.08 -18.70 -1.24
C SER C 98 13.59 -20.15 -1.12
N MET C 99 14.47 -20.55 -2.04
CA MET C 99 14.85 -21.96 -2.17
C MET C 99 13.78 -22.69 -2.98
N ARG C 100 12.53 -22.47 -2.62
CA ARG C 100 11.44 -22.85 -3.50
C ARG C 100 10.19 -22.08 -3.09
N CYS C 101 9.18 -22.05 -3.96
CA CYS C 101 7.91 -21.48 -3.55
C CYS C 101 7.25 -22.42 -2.56
N TRP C 102 7.02 -21.91 -1.35
CA TRP C 102 6.57 -22.72 -0.24
C TRP C 102 5.06 -22.78 -0.15
N TYR C 103 4.36 -22.17 -1.10
CA TYR C 103 2.92 -22.05 -1.04
C TYR C 103 2.22 -23.00 -1.99
N ASP C 104 1.19 -23.69 -1.51
CA ASP C 104 0.29 -24.48 -2.37
C ASP C 104 -0.76 -23.57 -2.99
N LYS C 105 -1.58 -24.11 -3.88
CA LYS C 105 -2.46 -23.23 -4.65
C LYS C 105 -3.53 -22.55 -3.81
N ASP C 106 -3.66 -22.99 -2.56
CA ASP C 106 -4.59 -22.32 -1.66
C ASP C 106 -3.90 -21.22 -0.84
N GLY C 107 -2.59 -21.12 -0.97
CA GLY C 107 -1.82 -20.13 -0.26
C GLY C 107 -1.30 -20.65 1.07
N ARG C 108 -1.35 -21.96 1.26
CA ARG C 108 -0.88 -22.54 2.51
C ARG C 108 0.49 -23.16 2.35
N LEU C 109 1.32 -23.00 3.38
CA LEU C 109 2.65 -23.59 3.40
C LEU C 109 2.57 -25.08 3.11
N LEU C 110 3.51 -25.56 2.32
CA LEU C 110 3.65 -27.00 2.08
C LEU C 110 4.06 -27.74 3.36
N PRO C 111 3.60 -29.00 3.49
CA PRO C 111 3.90 -29.84 4.66
C PRO C 111 5.42 -29.95 4.90
N GLU C 112 6.21 -29.84 3.84
CA GLU C 112 7.65 -29.93 3.98
C GLU C 112 8.32 -28.64 4.46
N PHE C 113 7.57 -27.54 4.50
CA PHE C 113 8.10 -26.30 5.08
C PHE C 113 8.61 -26.59 6.49
N ASN C 114 9.75 -26.02 6.82
CA ASN C 114 10.40 -26.33 8.09
C ASN C 114 10.01 -25.36 9.21
N MET C 115 8.97 -25.72 9.97
CA MET C 115 8.46 -24.83 11.01
C MET C 115 9.49 -24.51 12.08
N ALA C 116 10.46 -25.41 12.29
CA ALA C 116 11.42 -25.24 13.37
C ALA C 116 12.54 -24.24 13.02
N GLU C 117 12.89 -24.18 11.74
CA GLU C 117 13.89 -23.23 11.26
C GLU C 117 13.44 -22.73 9.89
N PRO C 118 12.55 -21.74 9.86
CA PRO C 118 11.95 -21.31 8.60
C PRO C 118 12.94 -20.54 7.74
N PRO C 119 12.81 -20.72 6.42
CA PRO C 119 13.63 -19.95 5.48
C PRO C 119 13.07 -18.55 5.35
N LEU C 120 13.80 -17.67 4.69
CA LEU C 120 13.27 -16.38 4.32
C LEU C 120 12.35 -16.59 3.14
N ILE C 121 11.24 -15.86 3.11
CA ILE C 121 10.33 -15.99 1.98
C ILE C 121 10.34 -14.74 1.14
N PHE C 122 10.55 -14.93 -0.16
CA PHE C 122 10.52 -13.82 -1.10
C PHE C 122 9.29 -14.00 -1.95
N GLU C 123 8.27 -13.19 -1.68
CA GLU C 123 7.07 -13.22 -2.50
C GLU C 123 7.34 -12.44 -3.77
N CYS C 124 6.55 -12.69 -4.81
CA CYS C 124 6.63 -11.92 -6.04
C CYS C 124 6.23 -10.46 -5.75
N ASN C 125 6.75 -9.55 -6.56
CA ASN C 125 6.53 -8.13 -6.30
C ASN C 125 6.11 -7.40 -7.56
N HIS C 126 6.01 -6.08 -7.44
CA HIS C 126 5.58 -5.24 -8.54
C HIS C 126 6.57 -5.18 -9.73
N ALA C 127 7.78 -5.69 -9.54
CA ALA C 127 8.78 -5.74 -10.64
C ALA C 127 8.68 -7.01 -11.50
N CYS C 128 8.25 -8.11 -10.89
CA CYS C 128 7.95 -9.37 -11.61
C CYS C 128 7.02 -9.20 -12.81
N SER C 129 7.14 -10.09 -13.78
CA SER C 129 6.28 -10.05 -14.97
C SER C 129 5.01 -10.86 -14.80
N CYS C 130 4.92 -11.64 -13.72
CA CYS C 130 3.71 -12.41 -13.43
C CYS C 130 2.52 -11.52 -13.04
N TRP C 131 1.35 -12.13 -12.92
CA TRP C 131 0.15 -11.42 -12.54
C TRP C 131 -0.02 -11.34 -11.01
N ARG C 132 -0.82 -10.36 -10.59
CA ARG C 132 -1.06 -10.07 -9.19
C ARG C 132 -1.64 -11.26 -8.42
N ASN C 133 -2.25 -12.20 -9.13
CA ASN C 133 -2.81 -13.40 -8.50
C ASN C 133 -1.96 -14.65 -8.72
N CYS C 134 -0.66 -14.47 -8.94
CA CYS C 134 0.22 -15.64 -9.05
C CYS C 134 0.30 -16.38 -7.72
N ARG C 135 0.92 -17.55 -7.74
CA ARG C 135 0.92 -18.43 -6.58
C ARG C 135 1.81 -17.90 -5.44
N ASN C 136 2.80 -17.10 -5.80
CA ASN C 136 3.80 -16.67 -4.84
C ASN C 136 3.45 -15.33 -4.19
N ARG C 137 2.23 -15.23 -3.68
CA ARG C 137 1.73 -13.98 -3.11
C ARG C 137 0.69 -14.36 -2.08
N VAL C 138 1.04 -14.23 -0.80
CA VAL C 138 0.16 -14.64 0.28
C VAL C 138 0.17 -13.56 1.35
N VAL C 139 1.33 -13.29 1.93
CA VAL C 139 1.38 -12.29 2.97
C VAL C 139 0.97 -10.91 2.45
N GLN C 140 1.26 -10.61 1.19
CA GLN C 140 0.92 -9.29 0.63
C GLN C 140 -0.59 -9.13 0.44
N ASN C 141 -1.36 -10.19 0.67
CA ASN C 141 -2.80 -10.13 0.49
C ASN C 141 -3.54 -9.79 1.78
N GLY C 142 -2.79 -9.68 2.86
CA GLY C 142 -3.34 -9.24 4.14
C GLY C 142 -4.17 -10.29 4.86
N LEU C 143 -4.86 -9.80 5.90
CA LEU C 143 -5.54 -10.64 6.87
C LEU C 143 -6.86 -11.21 6.40
N ARG C 144 -7.00 -12.52 6.47
CA ARG C 144 -8.22 -13.22 6.11
C ARG C 144 -8.99 -13.72 7.34
N ALA C 145 -8.29 -14.47 8.18
CA ALA C 145 -8.85 -15.12 9.36
C ALA C 145 -9.72 -14.20 10.23
N ARG C 146 -10.89 -14.69 10.62
CA ARG C 146 -11.72 -14.01 11.60
C ARG C 146 -11.14 -14.17 12.99
N LEU C 147 -10.59 -13.09 13.53
CA LEU C 147 -9.94 -13.08 14.83
C LEU C 147 -10.74 -12.22 15.81
N GLN C 148 -10.32 -12.24 17.08
CA GLN C 148 -11.02 -11.51 18.10
C GLN C 148 -10.09 -11.21 19.28
N LEU C 149 -10.03 -9.94 19.68
CA LEU C 149 -9.33 -9.53 20.89
C LEU C 149 -10.23 -9.88 22.07
N TYR C 150 -9.66 -10.47 23.11
CA TYR C 150 -10.49 -10.87 24.23
C TYR C 150 -9.70 -10.82 25.52
N ARG C 151 -10.41 -10.71 26.62
CA ARG C 151 -9.74 -10.63 27.91
C ARG C 151 -9.55 -12.03 28.42
N THR C 152 -8.29 -12.43 28.60
CA THR C 152 -7.94 -13.71 29.21
C THR C 152 -8.02 -13.53 30.72
N ARG C 153 -7.92 -14.64 31.45
CA ARG C 153 -8.01 -14.60 32.90
C ARG C 153 -6.67 -14.25 33.51
N ASP C 154 -5.61 -14.88 33.03
CA ASP C 154 -4.32 -14.79 33.69
C ASP C 154 -3.29 -13.90 32.98
N MET C 155 -3.63 -13.46 31.77
CA MET C 155 -2.61 -12.88 30.88
C MET C 155 -2.97 -11.57 30.20
N GLY C 156 -3.85 -10.78 30.79
CA GLY C 156 -4.27 -9.55 30.16
C GLY C 156 -5.14 -9.83 28.95
N TRP C 157 -4.91 -9.10 27.87
CA TRP C 157 -5.68 -9.29 26.65
C TRP C 157 -4.99 -10.35 25.84
N GLY C 158 -5.72 -11.00 24.95
CA GLY C 158 -5.17 -12.06 24.14
C GLY C 158 -5.96 -12.08 22.85
N VAL C 159 -5.50 -12.84 21.86
CA VAL C 159 -6.18 -12.91 20.57
C VAL C 159 -6.57 -14.34 20.29
N ARG C 160 -7.75 -14.54 19.73
CA ARG C 160 -8.18 -15.89 19.39
C ARG C 160 -8.80 -15.93 18.01
N SER C 161 -8.79 -17.11 17.42
CA SER C 161 -9.50 -17.32 16.17
C SER C 161 -10.98 -17.62 16.42
N LEU C 162 -11.84 -17.10 15.56
CA LEU C 162 -13.26 -17.42 15.64
C LEU C 162 -13.60 -18.49 14.63
N GLN C 163 -12.58 -18.97 13.90
CA GLN C 163 -12.81 -20.00 12.88
C GLN C 163 -11.78 -21.10 12.97
N ASP C 164 -12.02 -22.19 12.24
CA ASP C 164 -11.00 -23.20 12.04
C ASP C 164 -9.94 -22.68 11.06
N ILE C 165 -8.68 -22.87 11.43
CA ILE C 165 -7.56 -22.45 10.60
C ILE C 165 -6.65 -23.65 10.33
N PRO C 166 -6.57 -24.08 9.07
CA PRO C 166 -5.73 -25.21 8.67
C PRO C 166 -4.26 -24.91 8.92
N PRO C 167 -3.44 -25.97 9.01
CA PRO C 167 -1.99 -25.86 9.20
C PRO C 167 -1.35 -25.08 8.05
N GLY C 168 -0.29 -24.32 8.34
CA GLY C 168 0.43 -23.58 7.31
C GLY C 168 -0.32 -22.39 6.73
N THR C 169 -1.33 -21.91 7.44
CA THR C 169 -2.08 -20.75 6.97
C THR C 169 -1.46 -19.46 7.51
N PHE C 170 -1.41 -18.43 6.66
CA PHE C 170 -1.02 -17.10 7.07
C PHE C 170 -2.13 -16.50 7.90
N VAL C 171 -1.80 -16.16 9.15
CA VAL C 171 -2.81 -15.62 10.04
C VAL C 171 -2.72 -14.10 10.14
N CYS C 172 -1.52 -13.57 10.44
CA CYS C 172 -1.35 -12.13 10.52
C CYS C 172 0.10 -11.73 10.66
N GLU C 173 0.34 -10.43 10.56
CA GLU C 173 1.68 -9.89 10.54
C GLU C 173 1.96 -9.14 11.84
N TYR C 174 3.19 -9.21 12.33
CA TYR C 174 3.54 -8.42 13.49
C TYR C 174 3.81 -7.01 13.02
N VAL C 175 2.83 -6.13 13.18
CA VAL C 175 2.96 -4.78 12.64
C VAL C 175 3.26 -3.76 13.72
N GLY C 176 4.15 -2.82 13.43
CA GLY C 176 4.46 -1.81 14.42
C GLY C 176 5.32 -0.67 13.91
N GLU C 177 5.97 -0.01 14.85
CA GLU C 177 6.87 1.09 14.56
C GLU C 177 8.28 0.52 14.37
N LEU C 178 8.82 0.68 13.17
CA LEU C 178 10.17 0.24 12.86
C LEU C 178 11.18 1.23 13.46
N ILE C 179 12.07 0.74 14.32
CA ILE C 179 13.04 1.59 15.01
C ILE C 179 14.41 0.93 15.09
N SER C 180 15.42 1.74 15.38
CA SER C 180 16.80 1.25 15.45
C SER C 180 17.12 0.51 16.75
N ASP C 181 18.24 -0.20 16.72
CA ASP C 181 18.86 -0.80 17.90
C ASP C 181 18.86 0.16 19.08
N SER C 182 19.61 1.26 18.94
CA SER C 182 19.76 2.25 20.02
C SER C 182 18.44 2.73 20.52
N GLU C 183 17.57 3.11 19.61
CA GLU C 183 16.24 3.59 19.97
C GLU C 183 15.51 2.53 20.77
N ALA C 184 15.67 1.26 20.38
CA ALA C 184 14.96 0.17 21.05
C ALA C 184 15.40 0.01 22.50
N ASP C 185 16.70 0.21 22.72
CA ASP C 185 17.28 0.00 24.04
C ASP C 185 16.83 1.04 25.06
N VAL C 186 16.29 2.16 24.58
CA VAL C 186 15.92 3.25 25.47
C VAL C 186 14.40 3.39 25.58
N ARG C 187 13.68 2.40 25.06
CA ARG C 187 12.24 2.38 25.20
C ARG C 187 11.84 1.82 26.58
N GLU C 188 11.19 2.65 27.39
CA GLU C 188 10.81 2.25 28.75
C GLU C 188 9.80 1.11 28.76
N GLU C 189 8.71 1.30 28.02
CA GLU C 189 7.69 0.27 27.92
C GLU C 189 8.12 -0.76 26.88
N ASP C 190 8.61 -1.90 27.35
CA ASP C 190 9.36 -2.83 26.50
C ASP C 190 8.71 -4.21 26.23
N SER C 191 7.41 -4.36 26.44
CA SER C 191 6.83 -5.68 26.22
C SER C 191 6.24 -5.93 24.83
N TYR C 192 6.49 -5.01 23.90
CA TYR C 192 5.96 -5.12 22.55
C TYR C 192 7.05 -5.11 21.47
N LEU C 193 8.24 -5.53 21.85
CA LEU C 193 9.40 -5.46 20.98
C LEU C 193 9.60 -6.75 20.19
N PHE C 194 9.79 -6.64 18.88
CA PHE C 194 10.15 -7.79 18.05
C PHE C 194 11.47 -7.49 17.35
N ASP C 195 12.50 -8.24 17.70
CA ASP C 195 13.83 -8.00 17.14
C ASP C 195 13.91 -8.49 15.71
N LEU C 196 14.57 -7.72 14.85
CA LEU C 196 14.69 -8.07 13.45
C LEU C 196 16.03 -8.74 13.12
N ASP C 197 17.05 -8.49 13.96
CA ASP C 197 18.42 -9.04 13.81
C ASP C 197 18.88 -9.57 12.43
N ASN C 198 19.65 -8.73 11.74
CA ASN C 198 20.29 -9.14 10.49
C ASN C 198 21.58 -9.89 10.81
N LYS C 199 22.03 -9.75 12.06
CA LYS C 199 23.32 -10.30 12.47
C LYS C 199 24.40 -9.65 11.62
N ASP C 200 24.01 -8.63 10.86
CA ASP C 200 24.97 -7.78 10.17
C ASP C 200 25.49 -6.79 11.20
N GLY C 201 25.38 -7.18 12.47
CA GLY C 201 25.71 -6.31 13.58
C GLY C 201 24.51 -5.49 14.00
N GLU C 202 24.11 -4.55 13.14
CA GLU C 202 22.95 -3.71 13.43
C GLU C 202 21.70 -4.57 13.46
N VAL C 203 20.94 -4.44 14.54
CA VAL C 203 19.69 -5.16 14.71
C VAL C 203 18.53 -4.16 14.82
N TYR C 204 17.67 -4.14 13.81
CA TYR C 204 16.49 -3.29 13.91
C TYR C 204 15.39 -3.94 14.73
N CYS C 205 14.33 -3.18 14.95
CA CYS C 205 13.29 -3.64 15.85
C CYS C 205 11.93 -3.08 15.44
N ILE C 206 10.91 -3.91 15.60
CA ILE C 206 9.54 -3.44 15.48
C ILE C 206 8.99 -3.26 16.88
N ASP C 207 8.54 -2.06 17.21
CA ASP C 207 7.92 -1.80 18.51
C ASP C 207 6.44 -1.52 18.32
N ALA C 208 5.61 -2.42 18.82
CA ALA C 208 4.18 -2.26 18.67
C ALA C 208 3.53 -1.58 19.89
N ARG C 209 4.38 -1.04 20.76
CA ARG C 209 3.88 -0.34 21.93
C ARG C 209 2.97 0.84 21.60
N PHE C 210 3.42 1.75 20.75
CA PHE C 210 2.65 2.97 20.42
C PHE C 210 1.79 2.83 19.17
N TYR C 211 2.34 2.13 18.17
CA TYR C 211 1.60 1.83 16.96
C TYR C 211 1.70 0.35 16.71
N GLY C 212 0.59 -0.31 16.41
CA GLY C 212 0.65 -1.74 16.15
C GLY C 212 -0.69 -2.25 15.69
N ASN C 213 -0.72 -3.49 15.22
CA ASN C 213 -1.97 -4.10 14.81
C ASN C 213 -2.37 -5.17 15.81
N VAL C 214 -3.27 -6.07 15.42
CA VAL C 214 -3.73 -7.08 16.36
C VAL C 214 -2.61 -7.91 16.99
N SER C 215 -1.51 -8.14 16.26
CA SER C 215 -0.46 -9.05 16.73
C SER C 215 0.15 -8.67 18.08
N ARG C 216 0.06 -7.40 18.42
CA ARG C 216 0.66 -6.90 19.65
C ARG C 216 -0.01 -7.58 20.85
N PHE C 217 -1.24 -8.07 20.65
CA PHE C 217 -1.93 -8.70 21.76
C PHE C 217 -1.76 -10.23 21.85
N ILE C 218 -1.00 -10.84 20.92
CA ILE C 218 -0.82 -12.30 20.94
C ILE C 218 0.16 -12.74 22.02
N ASN C 219 -0.28 -13.57 22.94
CA ASN C 219 0.61 -13.97 24.04
C ASN C 219 1.61 -15.07 23.68
N HIS C 220 2.58 -15.30 24.56
CA HIS C 220 3.54 -16.38 24.35
C HIS C 220 2.99 -17.76 24.72
N HIS C 221 3.46 -18.79 24.01
CA HIS C 221 3.07 -20.14 24.32
C HIS C 221 4.23 -21.05 23.99
N CYS C 222 4.54 -21.94 24.92
CA CYS C 222 5.68 -22.85 24.80
C CYS C 222 5.47 -23.92 23.74
N GLU C 223 4.22 -24.22 23.43
CA GLU C 223 3.92 -25.12 22.33
C GLU C 223 2.97 -24.44 21.36
N PRO C 224 3.51 -23.47 20.61
CA PRO C 224 2.72 -22.46 19.90
C PRO C 224 2.05 -22.95 18.63
N ASN C 225 0.88 -22.38 18.35
CA ASN C 225 0.14 -22.71 17.14
C ASN C 225 0.46 -21.72 16.00
N LEU C 226 1.33 -20.74 16.29
CA LEU C 226 1.83 -19.81 15.27
C LEU C 226 3.35 -19.82 15.26
N VAL C 227 3.94 -19.73 14.07
CA VAL C 227 5.38 -19.48 13.92
C VAL C 227 5.65 -18.23 13.06
N PRO C 228 6.58 -17.39 13.50
CA PRO C 228 6.96 -16.19 12.72
C PRO C 228 7.94 -16.51 11.61
N VAL C 229 7.65 -16.02 10.40
CA VAL C 229 8.48 -16.22 9.24
C VAL C 229 8.90 -14.83 8.72
N ARG C 230 10.16 -14.67 8.34
CA ARG C 230 10.61 -13.41 7.75
C ARG C 230 10.22 -13.40 6.28
N VAL C 231 9.55 -12.33 5.85
CA VAL C 231 9.06 -12.24 4.50
C VAL C 231 9.49 -10.94 3.82
N PHE C 232 9.74 -11.03 2.51
CA PHE C 232 10.03 -9.85 1.70
C PHE C 232 9.00 -9.75 0.59
N MET C 233 8.52 -8.53 0.35
CA MET C 233 7.49 -8.30 -0.63
C MET C 233 7.85 -7.10 -1.49
N ALA C 234 7.35 -5.91 -1.18
CA ALA C 234 7.60 -4.73 -2.02
C ALA C 234 9.04 -4.20 -1.96
N HIS C 235 9.82 -4.64 -0.98
CA HIS C 235 11.26 -4.34 -0.99
C HIS C 235 12.04 -5.57 -0.59
N GLN C 236 13.33 -5.58 -0.92
CA GLN C 236 14.21 -6.68 -0.48
C GLN C 236 15.42 -6.18 0.31
N ASP C 237 15.18 -5.19 1.16
CA ASP C 237 16.20 -4.71 2.08
C ASP C 237 16.23 -5.66 3.26
N LEU C 238 17.31 -6.44 3.32
CA LEU C 238 17.40 -7.58 4.21
C LEU C 238 17.50 -7.20 5.67
N ARG C 239 17.78 -5.92 5.94
CA ARG C 239 17.74 -5.41 7.29
C ARG C 239 16.31 -5.34 7.84
N PHE C 240 15.32 -5.39 6.95
CA PHE C 240 13.95 -5.13 7.35
C PHE C 240 12.96 -6.17 6.83
N PRO C 241 13.08 -7.42 7.30
CA PRO C 241 12.08 -8.43 6.97
C PRO C 241 10.75 -8.05 7.61
N ARG C 242 9.65 -8.51 7.04
CA ARG C 242 8.37 -8.35 7.70
C ARG C 242 8.05 -9.67 8.40
N ILE C 243 7.39 -9.58 9.56
CA ILE C 243 7.16 -10.78 10.39
C ILE C 243 5.77 -11.35 10.20
N ALA C 244 5.71 -12.52 9.55
CA ALA C 244 4.44 -13.17 9.22
C ALA C 244 4.22 -14.37 10.12
N PHE C 245 3.04 -14.45 10.74
CA PHE C 245 2.71 -15.62 11.54
C PHE C 245 1.93 -16.63 10.71
N PHE C 246 2.40 -17.88 10.72
CA PHE C 246 1.70 -18.99 10.07
C PHE C 246 1.24 -20.04 11.09
N SER C 247 0.06 -20.62 10.87
CA SER C 247 -0.40 -21.68 11.78
C SER C 247 0.54 -22.86 11.65
N THR C 248 1.03 -23.38 12.77
CA THR C 248 1.86 -24.58 12.77
C THR C 248 1.01 -25.86 12.77
N ARG C 249 -0.31 -25.68 12.78
CA ARG C 249 -1.22 -26.82 12.85
CA ARG C 249 -1.22 -26.82 12.80
C ARG C 249 -2.64 -26.31 12.71
N LEU C 250 -3.61 -27.22 12.80
CA LEU C 250 -5.02 -26.83 12.78
C LEU C 250 -5.33 -26.03 14.03
N ILE C 251 -5.85 -24.81 13.85
CA ILE C 251 -6.29 -24.02 14.98
C ILE C 251 -7.81 -24.06 15.01
N GLU C 252 -8.37 -24.64 16.07
CA GLU C 252 -9.82 -24.78 16.14
C GLU C 252 -10.47 -23.47 16.57
N ALA C 253 -11.64 -23.20 16.00
CA ALA C 253 -12.43 -22.04 16.37
C ALA C 253 -12.47 -21.88 17.88
N GLY C 254 -12.16 -20.67 18.35
CA GLY C 254 -12.19 -20.36 19.77
C GLY C 254 -10.82 -20.39 20.46
N GLU C 255 -9.86 -21.03 19.82
CA GLU C 255 -8.53 -21.21 20.40
C GLU C 255 -7.78 -19.87 20.48
N GLN C 256 -7.02 -19.67 21.56
CA GLN C 256 -6.14 -18.53 21.64
C GLN C 256 -4.89 -18.75 20.76
N LEU C 257 -4.51 -17.70 20.03
CA LEU C 257 -3.27 -17.71 19.27
C LEU C 257 -2.11 -17.54 20.20
N GLY C 258 -0.99 -18.19 19.85
CA GLY C 258 0.25 -17.98 20.56
C GLY C 258 1.46 -18.27 19.71
N PHE C 259 2.54 -17.52 19.94
CA PHE C 259 3.84 -17.91 19.41
C PHE C 259 4.87 -17.95 20.54
N ASP C 260 6.02 -18.56 20.27
CA ASP C 260 7.10 -18.59 21.24
C ASP C 260 7.86 -17.27 21.13
N TYR C 261 7.82 -16.43 22.18
CA TYR C 261 8.53 -15.16 22.16
C TYR C 261 10.04 -15.39 22.07
N GLY C 262 10.50 -16.48 22.66
CA GLY C 262 11.91 -16.84 22.64
C GLY C 262 12.72 -16.53 23.90
N GLU C 263 13.96 -17.01 23.93
CA GLU C 263 14.87 -16.89 25.08
C GLU C 263 15.23 -15.45 25.46
N ARG C 264 15.52 -14.61 24.46
CA ARG C 264 15.83 -13.22 24.75
C ARG C 264 14.72 -12.55 25.59
N PHE C 265 13.47 -12.74 25.20
CA PHE C 265 12.35 -12.19 25.96
C PHE C 265 12.35 -12.74 27.39
N TRP C 266 12.39 -14.06 27.52
CA TRP C 266 12.23 -14.67 28.84
C TRP C 266 13.43 -14.50 29.77
N ASP C 267 14.63 -14.40 29.19
CA ASP C 267 15.84 -14.15 29.98
C ASP C 267 15.62 -12.96 30.88
N ILE C 268 14.91 -11.97 30.33
CA ILE C 268 14.68 -10.70 30.99
C ILE C 268 13.34 -10.74 31.69
N LYS C 269 12.31 -11.17 30.98
CA LYS C 269 10.98 -11.16 31.57
C LYS C 269 10.79 -12.30 32.58
N GLY C 270 11.58 -13.36 32.42
CA GLY C 270 11.54 -14.49 33.34
C GLY C 270 11.71 -14.05 34.78
N LYS C 271 12.58 -13.06 34.98
CA LYS C 271 12.93 -12.55 36.30
C LYS C 271 11.78 -11.81 36.97
N LEU C 272 10.74 -11.45 36.23
CA LEU C 272 9.67 -10.61 36.77
C LEU C 272 8.38 -11.39 36.92
N PHE C 273 8.19 -12.38 36.06
CA PHE C 273 7.03 -13.26 36.15
C PHE C 273 7.32 -14.56 35.43
N SER C 274 6.45 -15.54 35.61
CA SER C 274 6.67 -16.83 35.01
C SER C 274 5.62 -17.11 33.95
N CYS C 275 5.97 -17.98 33.02
CA CYS C 275 5.05 -18.29 31.94
C CYS C 275 3.78 -18.97 32.45
N ARG C 276 2.65 -18.50 31.97
CA ARG C 276 1.37 -19.06 32.33
C ARG C 276 0.65 -19.66 31.13
N CYS C 277 1.40 -20.10 30.12
CA CYS C 277 0.75 -20.67 28.94
C CYS C 277 -0.02 -21.93 29.30
N GLY C 278 0.38 -22.60 30.38
CA GLY C 278 -0.40 -23.70 30.90
C GLY C 278 -0.17 -24.98 30.13
N SER C 279 0.91 -25.02 29.37
CA SER C 279 1.26 -26.22 28.63
C SER C 279 1.92 -27.23 29.55
N PRO C 280 1.70 -28.53 29.27
CA PRO C 280 2.47 -29.56 29.99
C PRO C 280 3.95 -29.46 29.68
N LYS C 281 4.31 -28.78 28.59
CA LYS C 281 5.71 -28.67 28.20
C LYS C 281 6.22 -27.23 28.34
N CYS C 282 5.56 -26.45 29.17
CA CYS C 282 6.01 -25.08 29.44
C CYS C 282 7.49 -25.12 29.81
N ARG C 283 8.27 -24.21 29.24
CA ARG C 283 9.71 -24.18 29.49
C ARG C 283 10.07 -22.94 30.29
N HIS C 284 9.04 -22.23 30.76
CA HIS C 284 9.29 -20.98 31.47
C HIS C 284 8.36 -20.78 32.65
N SER C 285 7.79 -21.86 33.19
CA SER C 285 6.90 -21.72 34.35
C SER C 285 7.69 -21.65 35.66
N ALA D 4 22.82 -6.01 28.65
CA ALA D 4 22.03 -7.15 29.11
C ALA D 4 20.64 -7.20 28.47
N ARG D 5 20.00 -6.04 28.36
CA ARG D 5 18.55 -6.00 28.12
C ARG D 5 18.07 -5.79 26.66
N MLY D 6 16.81 -5.38 26.58
CA MLY D 6 15.95 -5.43 25.41
CB MLY D 6 16.67 -5.09 24.12
CG MLY D 6 15.77 -5.17 22.94
CD MLY D 6 15.85 -3.93 22.11
CE MLY D 6 15.89 -4.27 20.65
NZ MLY D 6 17.30 -4.45 20.22
CH1 MLY D 6 18.01 -3.31 20.82
CH2 MLY D 6 17.24 -4.23 18.78
C MLY D 6 15.26 -6.79 25.31
O MLY D 6 15.84 -7.79 24.85
N VAL D 7 14.02 -6.83 25.75
CA VAL D 7 13.21 -8.04 25.71
C VAL D 7 12.51 -8.26 24.39
N GLY D 8 13.27 -8.43 23.31
CA GLY D 8 12.67 -8.58 21.99
C GLY D 8 12.28 -10.01 21.63
N ARG D 9 11.07 -10.18 21.09
CA ARG D 9 10.65 -11.43 20.48
C ARG D 9 11.63 -11.82 19.34
N PRO D 10 11.59 -13.09 18.85
CA PRO D 10 12.70 -13.75 18.11
C PRO D 10 13.85 -12.87 17.56
N GLY D 11 14.84 -12.64 18.44
CA GLY D 11 16.03 -11.88 18.11
C GLY D 11 16.65 -11.26 19.36
ZN ZN E . -9.03 12.74 8.77
ZN ZN F . -12.02 10.56 7.96
ZN ZN G . -12.48 13.75 9.91
ZN ZN H . -5.85 20.86 -29.47
N SAH I . -0.03 8.82 -27.40
CA SAH I . 1.07 8.56 -26.49
CB SAH I . 0.66 8.76 -25.03
CG SAH I . 0.75 10.20 -24.54
SD SAH I . 2.47 10.65 -24.18
C SAH I . 1.58 7.14 -26.68
O SAH I . 1.13 6.47 -27.63
OXT SAH I . 2.42 6.64 -25.93
C5' SAH I . 2.34 12.22 -25.07
C4' SAH I . 2.70 12.10 -26.54
O4' SAH I . 1.57 11.64 -27.25
C3' SAH I . 3.07 13.44 -27.17
O3' SAH I . 4.44 13.73 -27.11
C2' SAH I . 2.59 13.26 -28.59
O2' SAH I . 3.42 12.36 -29.26
C1' SAH I . 1.33 12.48 -28.36
N9 SAH I . 0.17 13.35 -28.08
C8 SAH I . -0.52 13.45 -26.90
N7 SAH I . -1.54 14.32 -27.06
C5 SAH I . -1.50 14.79 -28.33
C6 SAH I . -2.30 15.69 -29.02
N6 SAH I . -3.32 16.28 -28.40
N1 SAH I . -2.02 15.99 -30.35
C2 SAH I . -0.97 15.38 -30.97
N3 SAH I . -0.19 14.48 -30.29
C4 SAH I . -0.44 14.18 -28.98
ZN ZN J . 8.20 -13.09 -8.93
ZN ZN K . 4.70 -14.43 -9.43
ZN ZN L . 7.56 -16.16 -10.93
ZN ZN M . 4.88 -21.74 28.88
N SAH N . -1.35 -9.83 27.10
CA SAH N . -0.69 -8.64 26.57
CB SAH N . -0.46 -8.82 25.08
CG SAH N . 0.90 -9.46 24.77
SD SAH N . 2.28 -8.33 25.11
C SAH N . -1.54 -7.42 26.89
O SAH N . -2.44 -7.49 27.72
OXT SAH N . -1.36 -6.35 26.30
C5' SAH N . 3.21 -9.57 26.04
C4' SAH N . 2.92 -9.48 27.53
O4' SAH N . 1.69 -10.11 27.88
C3' SAH N . 4.01 -10.10 28.38
O3' SAH N . 4.94 -9.11 28.80
C2' SAH N . 3.23 -10.61 29.56
O2' SAH N . 3.02 -9.56 30.46
C1' SAH N . 1.90 -10.98 28.97
N9 SAH N . 2.05 -12.37 28.52
C8 SAH N . 2.02 -12.84 27.24
N7 SAH N . 2.23 -14.18 27.26
C5 SAH N . 2.40 -14.58 28.54
C6 SAH N . 2.65 -15.83 29.12
N6 SAH N . 2.75 -16.94 28.40
N1 SAH N . 2.78 -15.91 30.50
C2 SAH N . 2.68 -14.77 31.27
N3 SAH N . 2.43 -13.55 30.69
C4 SAH N . 2.29 -13.45 29.34
#